data_9HSZ
#
_entry.id   9HSZ
#
_cell.length_a   50.133
_cell.length_b   70.736
_cell.length_c   119.057
_cell.angle_alpha   90.000
_cell.angle_beta   90.000
_cell.angle_gamma   90.000
#
_symmetry.space_group_name_H-M   'I 2 2 2'
#
loop_
_entity.id
_entity.type
_entity.pdbx_description
1 polymer 'choline-phosphate cytidylyltransferase'
2 non-polymer 4-AMINOPYRIDINE
3 water water
#
_entity_poly.entity_id   1
_entity_poly.type   'polypeptide(L)'
_entity_poly.pdbx_seq_one_letter_code
;GHMAVPDDDDDDDNSNDESEYESSQMDSEKNKGSIKNSKNVVIYADGVYDMLHLGHMKQLEQAKKLFENTTLIVGVTSDN
ETKLFKGQVVQTLEERTETLKHIRWVDEIISPCPWVVTPEFLEKYKIDYVAHDDIPYANNQKEDIYAWLKRAGKFKATQR
TEGVSTTDLIVRILKNYED
;
_entity_poly.pdbx_strand_id   A
#
# COMPACT_ATOMS: atom_id res chain seq x y z
N LYS A 39 -5.43 -5.67 22.38
CA LYS A 39 -6.43 -4.95 21.61
C LYS A 39 -5.84 -4.39 20.33
N ASN A 40 -4.52 -4.44 20.19
CA ASN A 40 -3.84 -3.80 19.08
C ASN A 40 -3.72 -4.75 17.89
N VAL A 41 -4.36 -4.41 16.78
CA VAL A 41 -4.40 -5.24 15.59
C VAL A 41 -3.35 -4.75 14.59
N VAL A 42 -2.48 -5.65 14.14
CA VAL A 42 -1.44 -5.30 13.16
C VAL A 42 -1.98 -5.49 11.75
N ILE A 43 -1.97 -4.39 10.97
CA ILE A 43 -2.47 -4.37 9.59
C ILE A 43 -1.28 -4.16 8.65
N TYR A 44 -1.22 -4.94 7.57
CA TYR A 44 -0.16 -4.81 6.58
C TYR A 44 -0.76 -4.38 5.25
N ALA A 45 -0.24 -3.30 4.66
CA ALA A 45 -0.70 -2.83 3.36
C ALA A 45 0.52 -2.65 2.45
N ASP A 46 0.64 -3.50 1.43
CA ASP A 46 1.78 -3.40 0.54
C ASP A 46 1.37 -2.74 -0.78
N GLY A 47 2.36 -2.22 -1.49
CA GLY A 47 2.09 -1.56 -2.75
C GLY A 47 3.32 -0.89 -3.29
N VAL A 48 3.16 -0.33 -4.49
CA VAL A 48 4.24 0.41 -5.11
C VAL A 48 4.33 1.82 -4.54
N TYR A 49 3.18 2.46 -4.32
CA TYR A 49 3.11 3.81 -3.79
C TYR A 49 3.94 4.79 -4.62
N ASP A 50 3.83 4.67 -5.94
CA ASP A 50 4.49 5.58 -6.86
C ASP A 50 3.71 6.89 -6.95
N MET A 51 4.43 8.02 -6.83
CA MET A 51 3.86 9.35 -6.99
C MET A 51 2.57 9.48 -6.17
N LEU A 52 2.72 9.35 -4.86
CA LEU A 52 1.60 9.20 -3.95
C LEU A 52 0.59 10.34 -4.10
N HIS A 53 -0.70 9.99 -4.10
CA HIS A 53 -1.76 10.98 -4.27
C HIS A 53 -2.89 10.71 -3.28
N LEU A 54 -3.93 11.54 -3.36
CA LEU A 54 -5.07 11.42 -2.45
C LEU A 54 -5.64 10.01 -2.43
N GLY A 55 -5.61 9.33 -3.58
CA GLY A 55 -6.14 7.97 -3.62
C GLY A 55 -5.37 7.03 -2.73
N HIS A 56 -4.04 7.05 -2.81
CA HIS A 56 -3.22 6.24 -1.89
C HIS A 56 -3.56 6.58 -0.46
N MET A 57 -3.64 7.89 -0.17
CA MET A 57 -3.74 8.35 1.21
C MET A 57 -5.07 7.93 1.84
N LYS A 58 -6.17 8.08 1.11
CA LYS A 58 -7.46 7.65 1.63
C LYS A 58 -7.49 6.16 1.87
N GLN A 59 -6.79 5.40 1.03
CA GLN A 59 -6.71 3.95 1.18
C GLN A 59 -5.92 3.57 2.41
N LEU A 60 -4.81 4.27 2.66
CA LEU A 60 -4.04 4.04 3.88
C LEU A 60 -4.85 4.40 5.11
N GLU A 61 -5.60 5.52 5.05
CA GLU A 61 -6.49 5.88 6.13
C GLU A 61 -7.46 4.75 6.43
N GLN A 62 -8.02 4.12 5.38
CA GLN A 62 -9.01 3.06 5.59
C GLN A 62 -8.39 1.86 6.29
N ALA A 63 -7.20 1.44 5.82
CA ALA A 63 -6.50 0.33 6.46
C ALA A 63 -6.19 0.65 7.93
N LYS A 64 -5.70 1.86 8.20
CA LYS A 64 -5.40 2.24 9.57
C LYS A 64 -6.65 2.18 10.46
N LYS A 65 -7.82 2.53 9.92
CA LYS A 65 -9.04 2.62 10.70
C LYS A 65 -9.87 1.34 10.64
N LEU A 66 -9.27 0.22 10.21
CA LEU A 66 -10.05 -1.01 10.14
C LEU A 66 -10.49 -1.49 11.52
N PHE A 67 -9.72 -1.21 12.56
CA PHE A 67 -10.12 -1.51 13.93
C PHE A 67 -9.81 -0.30 14.78
N GLU A 68 -10.38 -0.28 15.99
CA GLU A 68 -10.20 0.86 16.88
C GLU A 68 -8.72 1.12 17.18
N ASN A 69 -7.96 0.06 17.49
CA ASN A 69 -6.54 0.18 17.85
C ASN A 69 -5.72 -0.66 16.88
N THR A 70 -4.88 0.00 16.09
CA THR A 70 -4.10 -0.68 15.06
C THR A 70 -2.66 -0.19 15.03
N THR A 71 -1.81 -1.03 14.46
CA THR A 71 -0.52 -0.61 13.91
C THR A 71 -0.57 -0.90 12.42
N LEU A 72 -0.44 0.13 11.59
CA LEU A 72 -0.40 -0.05 10.14
C LEU A 72 1.05 -0.16 9.68
N ILE A 73 1.44 -1.33 9.19
CA ILE A 73 2.73 -1.54 8.54
C ILE A 73 2.51 -1.41 7.03
N VAL A 74 3.31 -0.57 6.37
CA VAL A 74 3.21 -0.39 4.92
C VAL A 74 4.44 -1.01 4.27
N GLY A 75 4.22 -1.84 3.26
CA GLY A 75 5.30 -2.44 2.50
C GLY A 75 5.45 -1.73 1.16
N VAL A 76 6.70 -1.42 0.81
CA VAL A 76 7.02 -0.72 -0.43
C VAL A 76 7.82 -1.67 -1.32
N THR A 77 7.29 -1.93 -2.52
CA THR A 77 7.90 -2.91 -3.42
C THR A 77 9.23 -2.38 -3.97
N SER A 78 10.14 -3.30 -4.28
CA SER A 78 11.44 -2.94 -4.83
C SER A 78 11.33 -2.43 -6.27
N ASP A 79 12.32 -1.64 -6.70
CA ASP A 79 12.35 -1.13 -8.07
C ASP A 79 12.44 -2.27 -9.08
N ASN A 80 13.34 -3.23 -8.84
CA ASN A 80 13.55 -4.27 -9.83
C ASN A 80 12.29 -5.10 -10.04
N GLU A 81 11.64 -5.49 -8.93
CA GLU A 81 10.49 -6.37 -9.03
C GLU A 81 9.29 -5.64 -9.61
N THR A 82 9.08 -4.38 -9.24
CA THR A 82 8.00 -3.60 -9.82
C THR A 82 8.15 -3.51 -11.33
N LYS A 83 9.34 -3.18 -11.80
CA LYS A 83 9.57 -3.10 -13.24
C LYS A 83 9.35 -4.46 -13.89
N LEU A 84 9.74 -5.54 -13.21
CA LEU A 84 9.70 -6.86 -13.82
C LEU A 84 8.27 -7.37 -13.97
N PHE A 85 7.42 -7.10 -12.97
CA PHE A 85 6.09 -7.70 -12.89
C PHE A 85 4.95 -6.74 -13.20
N LYS A 86 5.05 -5.47 -12.78
CA LYS A 86 3.99 -4.50 -13.05
C LYS A 86 4.34 -3.62 -14.24
N GLY A 87 5.44 -2.89 -14.16
CA GLY A 87 5.86 -2.06 -15.26
C GLY A 87 6.75 -0.94 -14.74
N GLN A 88 6.91 0.07 -15.58
CA GLN A 88 7.74 1.22 -15.22
C GLN A 88 7.28 1.81 -13.90
N VAL A 89 8.26 2.18 -13.07
CA VAL A 89 8.00 2.93 -11.84
C VAL A 89 8.72 4.27 -11.97
N VAL A 90 8.08 5.33 -11.50
CA VAL A 90 8.63 6.67 -11.73
C VAL A 90 9.66 7.02 -10.66
N GLN A 91 9.26 6.90 -9.40
CA GLN A 91 10.12 7.21 -8.27
C GLN A 91 10.88 5.98 -7.80
N THR A 92 12.11 6.18 -7.35
CA THR A 92 12.90 5.09 -6.82
C THR A 92 12.31 4.59 -5.49
N LEU A 93 12.77 3.40 -5.08
CA LEU A 93 12.37 2.89 -3.77
C LEU A 93 12.55 3.96 -2.71
N GLU A 94 13.71 4.62 -2.70
CA GLU A 94 14.00 5.56 -1.62
C GLU A 94 13.03 6.74 -1.65
N GLU A 95 12.73 7.26 -2.83
CA GLU A 95 11.77 8.36 -2.93
C GLU A 95 10.36 7.93 -2.51
N ARG A 96 9.92 6.76 -2.97
CA ARG A 96 8.57 6.34 -2.61
C ARG A 96 8.45 6.09 -1.12
N THR A 97 9.53 5.60 -0.51
CA THR A 97 9.52 5.31 0.92
C THR A 97 9.55 6.59 1.75
N GLU A 98 10.25 7.61 1.28
CA GLU A 98 10.39 8.81 2.10
C GLU A 98 9.08 9.60 2.15
N THR A 99 8.32 9.62 1.04
CA THR A 99 7.01 10.25 1.09
C THR A 99 6.14 9.61 2.17
N LEU A 100 6.12 8.27 2.21
CA LEU A 100 5.23 7.55 3.12
C LEU A 100 5.52 7.87 4.58
N LYS A 101 6.78 8.20 4.87
CA LYS A 101 7.14 8.61 6.21
C LYS A 101 6.36 9.83 6.69
N HIS A 102 5.90 10.68 5.78
CA HIS A 102 5.22 11.91 6.17
C HIS A 102 3.69 11.75 6.29
N ILE A 103 3.18 10.54 6.15
CA ILE A 103 1.74 10.28 6.06
C ILE A 103 1.24 9.86 7.44
N ARG A 104 0.18 10.51 7.90
CA ARG A 104 -0.30 10.35 9.27
C ARG A 104 -0.62 8.89 9.61
N TRP A 105 -1.26 8.17 8.69
CA TRP A 105 -1.76 6.84 9.01
C TRP A 105 -0.67 5.78 9.10
N VAL A 106 0.55 6.08 8.65
CA VAL A 106 1.59 5.07 8.52
C VAL A 106 2.35 4.96 9.85
N ASP A 107 2.33 3.76 10.44
CA ASP A 107 3.03 3.58 11.71
C ASP A 107 4.41 2.96 11.53
N GLU A 108 4.54 2.00 10.62
CA GLU A 108 5.79 1.30 10.38
C GLU A 108 5.93 1.03 8.89
N ILE A 109 7.17 0.97 8.40
CA ILE A 109 7.41 0.71 6.99
C ILE A 109 8.35 -0.47 6.84
N ILE A 110 8.04 -1.36 5.91
CA ILE A 110 8.96 -2.39 5.46
C ILE A 110 9.35 -2.03 4.03
N SER A 111 10.63 -1.68 3.82
CA SER A 111 11.11 -1.20 2.53
C SER A 111 12.54 -1.65 2.28
N PRO A 112 12.79 -2.49 1.25
CA PRO A 112 11.76 -3.02 0.35
C PRO A 112 10.97 -4.15 1.01
N CYS A 113 9.74 -4.37 0.54
CA CYS A 113 8.97 -5.49 1.03
C CYS A 113 8.98 -6.63 0.00
N PRO A 114 8.63 -7.83 0.42
CA PRO A 114 8.50 -8.91 -0.55
C PRO A 114 7.44 -8.59 -1.59
N TRP A 115 7.59 -9.15 -2.78
CA TRP A 115 6.60 -8.93 -3.83
C TRP A 115 5.32 -9.72 -3.56
N VAL A 116 5.44 -10.96 -3.09
CA VAL A 116 4.31 -11.80 -2.75
C VAL A 116 4.30 -12.03 -1.24
N VAL A 117 3.14 -11.81 -0.62
CA VAL A 117 2.96 -12.15 0.79
C VAL A 117 2.96 -13.66 0.96
N THR A 118 3.54 -14.14 2.06
CA THR A 118 3.57 -15.55 2.40
C THR A 118 3.06 -15.76 3.82
N PRO A 119 2.59 -16.97 4.13
CA PRO A 119 2.24 -17.28 5.53
C PRO A 119 3.38 -17.01 6.48
N GLU A 120 4.60 -17.47 6.15
CA GLU A 120 5.75 -17.22 7.02
C GLU A 120 5.93 -15.74 7.29
N PHE A 121 5.71 -14.90 6.27
CA PHE A 121 5.92 -13.47 6.43
C PHE A 121 4.94 -12.89 7.45
N LEU A 122 3.68 -13.36 7.41
CA LEU A 122 2.68 -12.91 8.37
C LEU A 122 3.09 -13.28 9.78
N GLU A 123 3.67 -14.47 9.96
CA GLU A 123 4.08 -14.90 11.29
C GLU A 123 5.27 -14.10 11.77
N LYS A 124 6.30 -13.98 10.93
CA LYS A 124 7.51 -13.24 11.31
C LYS A 124 7.16 -11.89 11.90
N TYR A 125 6.34 -11.11 11.20
CA TYR A 125 5.98 -9.75 11.59
C TYR A 125 4.71 -9.67 12.43
N LYS A 126 4.10 -10.82 12.77
CA LYS A 126 2.92 -10.86 13.65
C LYS A 126 1.77 -10.06 13.05
N ILE A 127 1.54 -10.23 11.76
CA ILE A 127 0.54 -9.47 11.02
C ILE A 127 -0.81 -10.16 11.14
N ASP A 128 -1.83 -9.42 11.58
CA ASP A 128 -3.16 -9.99 11.75
C ASP A 128 -4.00 -9.97 10.48
N TYR A 129 -3.87 -8.94 9.65
CA TYR A 129 -4.68 -8.81 8.43
C TYR A 129 -3.86 -8.11 7.36
N VAL A 130 -4.11 -8.48 6.11
CA VAL A 130 -3.54 -7.79 4.95
C VAL A 130 -4.65 -6.94 4.35
N ALA A 131 -4.39 -5.65 4.16
CA ALA A 131 -5.39 -4.73 3.62
C ALA A 131 -5.04 -4.38 2.18
N HIS A 132 -5.96 -4.63 1.25
CA HIS A 132 -5.72 -4.33 -0.15
C HIS A 132 -7.08 -4.19 -0.84
N ASP A 133 -7.10 -3.43 -1.92
CA ASP A 133 -8.33 -3.31 -2.70
C ASP A 133 -8.67 -4.67 -3.29
N ASP A 134 -9.96 -4.97 -3.39
CA ASP A 134 -10.39 -6.31 -3.80
C ASP A 134 -10.55 -6.39 -5.31
N ASP A 144 -7.09 -15.27 -8.15
CA ASP A 144 -7.04 -14.41 -6.97
C ASP A 144 -5.79 -14.72 -6.16
N ILE A 145 -4.92 -13.71 -6.01
CA ILE A 145 -3.72 -13.86 -5.18
C ILE A 145 -4.01 -13.71 -3.70
N TYR A 146 -5.20 -13.28 -3.33
CA TYR A 146 -5.58 -13.13 -1.92
C TYR A 146 -6.52 -14.23 -1.45
N ALA A 147 -6.81 -15.23 -2.29
CA ALA A 147 -7.72 -16.30 -1.89
C ALA A 147 -7.26 -16.96 -0.60
N TRP A 148 -5.96 -17.28 -0.50
CA TRP A 148 -5.50 -17.96 0.70
C TRP A 148 -5.65 -17.08 1.93
N LEU A 149 -5.54 -15.76 1.74
CA LEU A 149 -5.73 -14.85 2.87
C LEU A 149 -7.19 -14.79 3.30
N LYS A 150 -8.10 -14.71 2.35
CA LYS A 150 -9.53 -14.74 2.71
C LYS A 150 -9.89 -16.05 3.41
N ARG A 151 -9.40 -17.17 2.87
CA ARG A 151 -9.67 -18.46 3.49
C ARG A 151 -9.23 -18.48 4.94
N ALA A 152 -8.16 -17.77 5.28
CA ALA A 152 -7.66 -17.82 6.64
C ALA A 152 -8.25 -16.73 7.54
N GLY A 153 -9.17 -15.91 7.04
CA GLY A 153 -9.75 -14.83 7.83
C GLY A 153 -8.88 -13.60 7.93
N LYS A 154 -7.85 -13.49 7.08
CA LYS A 154 -6.79 -12.50 7.26
C LYS A 154 -6.79 -11.42 6.18
N PHE A 155 -7.85 -11.30 5.39
CA PHE A 155 -7.93 -10.32 4.32
C PHE A 155 -8.92 -9.22 4.68
N LYS A 156 -8.52 -7.96 4.50
CA LYS A 156 -9.41 -6.83 4.71
C LYS A 156 -9.45 -5.98 3.45
N ALA A 157 -10.65 -5.78 2.90
CA ALA A 157 -10.77 -4.95 1.71
C ALA A 157 -10.66 -3.48 2.07
N THR A 158 -9.96 -2.72 1.22
CA THR A 158 -9.96 -1.27 1.22
C THR A 158 -10.28 -0.79 -0.19
N GLN A 159 -10.85 0.41 -0.29
CA GLN A 159 -11.34 0.92 -1.56
C GLN A 159 -10.28 1.78 -2.26
N ARG A 160 -10.42 1.88 -3.57
CA ARG A 160 -9.62 2.79 -4.38
C ARG A 160 -10.39 4.09 -4.62
N THR A 161 -9.63 5.16 -4.86
CA THR A 161 -10.18 6.45 -5.27
C THR A 161 -9.62 6.76 -6.65
N GLU A 162 -10.50 7.06 -7.60
CA GLU A 162 -10.08 7.27 -8.98
C GLU A 162 -10.15 8.75 -9.34
N GLY A 163 -9.39 9.11 -10.37
CA GLY A 163 -9.40 10.48 -10.88
C GLY A 163 -8.73 11.50 -9.99
N VAL A 164 -7.85 11.06 -9.09
CA VAL A 164 -7.09 11.94 -8.20
C VAL A 164 -5.60 11.88 -8.47
N SER A 165 -5.18 11.22 -9.54
CA SER A 165 -3.78 10.89 -9.68
C SER A 165 -2.99 12.04 -10.28
N THR A 166 -1.67 11.96 -10.10
CA THR A 166 -0.77 12.98 -10.64
C THR A 166 -0.94 13.13 -12.14
N THR A 167 -1.12 12.00 -12.85
CA THR A 167 -1.42 12.06 -14.27
C THR A 167 -2.62 12.95 -14.54
N ASP A 168 -3.71 12.73 -13.81
CA ASP A 168 -4.94 13.47 -14.03
C ASP A 168 -4.72 14.98 -13.85
N LEU A 169 -3.75 15.37 -13.02
CA LEU A 169 -3.55 16.78 -12.71
C LEU A 169 -2.94 17.53 -13.89
N ILE A 170 -1.85 17.00 -14.45
CA ILE A 170 -1.19 17.68 -15.57
C ILE A 170 -2.13 17.75 -16.76
N VAL A 171 -3.00 16.76 -16.93
CA VAL A 171 -4.05 16.87 -17.95
C VAL A 171 -4.84 18.15 -17.74
N ARG A 172 -5.21 18.43 -16.49
CA ARG A 172 -5.93 19.65 -16.18
C ARG A 172 -5.09 20.88 -16.48
N ILE A 173 -3.77 20.78 -16.30
CA ILE A 173 -2.89 21.92 -16.57
C ILE A 173 -2.84 22.20 -18.07
N LEU A 174 -2.73 21.16 -18.88
CA LEU A 174 -2.58 21.37 -20.32
C LEU A 174 -3.89 21.68 -21.00
N LYS A 175 -5.00 21.16 -20.47
CA LYS A 175 -6.32 21.43 -21.02
C LYS A 175 -6.69 22.90 -20.93
N ASN A 176 -5.76 23.73 -20.45
CA ASN A 176 -5.91 25.18 -20.45
C ASN A 176 -5.05 25.84 -21.53
N TYR A 177 -4.74 25.10 -22.59
CA TYR A 177 -3.89 25.62 -23.66
C TYR A 177 -4.45 25.26 -25.04
#